data_3O6J
#
_entry.id   3O6J
#
_cell.length_a   90.180
_cell.length_b   90.180
_cell.length_c   305.920
_cell.angle_alpha   90.000
_cell.angle_beta   90.000
_cell.angle_gamma   120.000
#
_symmetry.space_group_name_H-M   'P 63 2 2'
#
loop_
_entity.id
_entity.type
_entity.pdbx_description
1 polymer 'Chlorocatechol 1,2-dioxygenase'
2 non-polymer 'FE (III) ION'
3 non-polymer '(2R)-3-(PHOSPHONOOXY)-2-(TETRADECANOYLOXY)PROPYL PALMITATE'
4 non-polymer benzene-1,2,4-triol
5 non-polymer 'CHLORIDE ION'
6 water water
#
_entity_poly.entity_id   1
_entity_poly.type   'polypeptide(L)'
_entity_poly.pdbx_seq_one_letter_code
;MANTRVIELFDEFTDLIRDFIVRHEITTPEYETIMQYMISVGEAGEWPLWLDAFFETTVDSVSYGKGNWTSSAIQGPFFK
EGAPLLTGKPATLPMRADEPGDRMRFTGSVRDTSGTPITGAVIDVWHSTNDGNYSFFSPALPDQYLLRGRVVPAEDGSIE
FHSIRPVPYEIPKAGPTGQLMNSYLGRHSWRPAHIHIRITADGYRPLITQLYFEGDPYLDSDSCSAVKSELVLPVNKIDI
DGETWQLVDFNFILQHN
;
_entity_poly.pdbx_strand_id   A,B
#
# COMPACT_ATOMS: atom_id res chain seq x y z
N ALA A 2 12.16 -18.04 2.72
CA ALA A 2 11.71 -18.27 1.30
C ALA A 2 10.33 -18.93 1.27
N ASN A 3 9.50 -18.42 0.38
CA ASN A 3 8.10 -18.77 0.30
C ASN A 3 7.66 -18.70 -1.14
N THR A 4 7.29 -19.86 -1.65
CA THR A 4 7.23 -20.06 -3.06
C THR A 4 5.89 -19.52 -3.58
N ARG A 5 4.86 -19.70 -2.79
CA ARG A 5 3.61 -18.96 -2.98
C ARG A 5 4.00 -17.51 -3.12
N VAL A 6 4.63 -17.00 -2.06
CA VAL A 6 5.08 -15.64 -2.07
C VAL A 6 5.97 -15.33 -3.27
N ILE A 7 6.83 -16.27 -3.70
CA ILE A 7 7.72 -15.91 -4.79
C ILE A 7 6.89 -15.70 -6.03
N GLU A 8 6.11 -16.73 -6.34
CA GLU A 8 5.31 -16.78 -7.54
C GLU A 8 4.30 -15.63 -7.61
N LEU A 9 3.50 -15.40 -6.56
CA LEU A 9 2.54 -14.31 -6.65
C LEU A 9 3.26 -12.99 -6.84
N PHE A 10 4.25 -12.74 -5.99
CA PHE A 10 4.89 -11.42 -6.00
C PHE A 10 5.55 -11.04 -7.34
N ASP A 11 6.18 -12.00 -8.00
CA ASP A 11 6.82 -11.67 -9.25
C ASP A 11 5.80 -11.33 -10.32
N GLU A 12 4.76 -12.13 -10.35
CA GLU A 12 3.69 -11.81 -11.23
C GLU A 12 3.12 -10.46 -10.82
N PHE A 13 2.97 -10.27 -9.51
CA PHE A 13 2.34 -9.04 -9.08
C PHE A 13 3.11 -7.87 -9.65
N THR A 14 4.41 -7.92 -9.57
CA THR A 14 5.19 -6.78 -10.00
C THR A 14 5.22 -6.60 -11.50
N ASP A 15 5.41 -7.68 -12.24
CA ASP A 15 5.29 -7.62 -13.71
C ASP A 15 3.98 -7.02 -14.14
N LEU A 16 2.89 -7.36 -13.44
CA LEU A 16 1.64 -6.74 -13.79
C LEU A 16 1.73 -5.30 -13.55
N ILE A 17 2.03 -4.91 -12.33
CA ILE A 17 1.98 -3.50 -12.05
C ILE A 17 2.84 -2.83 -13.07
N ARG A 18 4.02 -3.40 -13.33
CA ARG A 18 4.95 -2.82 -14.31
C ARG A 18 4.32 -2.69 -15.68
N ASP A 19 3.76 -3.77 -16.22
CA ASP A 19 2.84 -3.60 -17.35
C ASP A 19 1.87 -2.41 -17.18
N PHE A 20 1.24 -2.29 -15.99
CA PHE A 20 0.14 -1.38 -15.85
C PHE A 20 0.65 0.05 -16.03
N ILE A 21 1.58 0.44 -15.16
CA ILE A 21 2.37 1.66 -15.30
C ILE A 21 2.69 1.99 -16.76
N VAL A 22 3.20 1.01 -17.49
CA VAL A 22 3.65 1.25 -18.84
C VAL A 22 2.48 1.60 -19.77
N ARG A 23 1.49 0.71 -19.92
CA ARG A 23 0.47 0.94 -20.94
C ARG A 23 -0.34 2.19 -20.66
N HIS A 24 -0.31 2.62 -19.40
CA HIS A 24 -1.14 3.70 -19.01
C HIS A 24 -0.38 5.03 -18.90
N GLU A 25 0.93 5.01 -19.20
CA GLU A 25 1.83 6.18 -19.11
C GLU A 25 1.75 6.83 -17.75
N ILE A 26 1.97 6.04 -16.70
CA ILE A 26 1.96 6.61 -15.37
C ILE A 26 3.15 7.56 -15.13
N THR A 27 2.85 8.87 -15.13
CA THR A 27 3.90 9.89 -15.03
C THR A 27 4.36 10.09 -13.59
N THR A 28 5.66 10.34 -13.39
CA THR A 28 6.26 10.68 -12.08
C THR A 28 5.37 11.47 -11.09
N PRO A 29 4.74 12.58 -11.56
CA PRO A 29 3.87 13.32 -10.65
C PRO A 29 2.69 12.45 -10.22
N GLU A 30 2.17 11.64 -11.14
CA GLU A 30 1.09 10.72 -10.82
C GLU A 30 1.58 9.69 -9.81
N TYR A 31 2.69 9.02 -10.11
CA TYR A 31 3.42 8.15 -9.19
C TYR A 31 3.49 8.72 -7.77
N GLU A 32 3.85 10.00 -7.64
CA GLU A 32 4.07 10.60 -6.34
C GLU A 32 2.81 10.79 -5.60
N THR A 33 1.81 11.34 -6.30
CA THR A 33 0.45 11.45 -5.78
C THR A 33 -0.10 10.12 -5.24
N ILE A 34 0.22 9.03 -5.93
CA ILE A 34 -0.10 7.69 -5.48
C ILE A 34 0.55 7.40 -4.13
N MET A 35 1.88 7.33 -4.15
CA MET A 35 2.69 7.23 -2.95
C MET A 35 2.13 8.14 -1.82
N GLN A 36 2.04 9.45 -2.08
CA GLN A 36 1.41 10.37 -1.13
C GLN A 36 0.07 9.83 -0.61
N TYR A 37 -0.83 9.42 -1.52
CA TYR A 37 -2.08 8.73 -1.20
C TYR A 37 -1.83 7.50 -0.34
N MET A 38 -1.06 6.55 -0.86
CA MET A 38 -0.79 5.33 -0.10
C MET A 38 -0.37 5.64 1.31
N ILE A 39 0.53 6.61 1.46
CA ILE A 39 1.06 6.96 2.77
C ILE A 39 -0.07 7.44 3.64
N SER A 40 -0.78 8.44 3.14
CA SER A 40 -1.85 9.04 3.92
C SER A 40 -2.94 8.03 4.27
N VAL A 41 -2.99 6.91 3.57
CA VAL A 41 -3.91 5.81 3.94
C VAL A 41 -3.45 5.12 5.25
N GLY A 42 -2.15 4.94 5.39
CA GLY A 42 -1.68 4.30 6.60
C GLY A 42 -1.84 5.25 7.77
N GLU A 43 -1.59 6.53 7.51
CA GLU A 43 -1.63 7.51 8.59
C GLU A 43 -3.01 7.56 9.18
N ALA A 44 -4.03 7.52 8.33
CA ALA A 44 -5.42 7.37 8.77
C ALA A 44 -5.79 5.99 9.31
N GLY A 45 -4.81 5.09 9.50
CA GLY A 45 -5.10 3.68 9.79
C GLY A 45 -6.23 3.14 8.92
N GLU A 46 -6.10 3.20 7.59
CA GLU A 46 -7.25 2.86 6.73
C GLU A 46 -7.00 1.64 5.82
N TRP A 47 -5.93 0.92 6.05
CA TRP A 47 -5.69 -0.16 5.16
C TRP A 47 -6.84 -1.15 5.15
N PRO A 48 -7.26 -1.59 6.34
CA PRO A 48 -8.31 -2.57 6.41
C PRO A 48 -9.66 -1.98 6.01
N LEU A 49 -9.86 -0.66 6.10
CA LEU A 49 -11.03 -0.01 5.45
C LEU A 49 -11.01 -0.05 3.92
N TRP A 50 -10.08 0.71 3.37
CA TRP A 50 -9.82 0.79 1.93
C TRP A 50 -9.71 -0.62 1.34
N LEU A 51 -8.85 -1.48 1.92
CA LEU A 51 -8.68 -2.80 1.30
C LEU A 51 -9.96 -3.62 1.26
N ASP A 52 -10.71 -3.66 2.35
CA ASP A 52 -11.90 -4.48 2.36
C ASP A 52 -12.94 -3.90 1.39
N ALA A 53 -13.04 -2.57 1.31
CA ALA A 53 -13.92 -1.92 0.36
C ALA A 53 -13.67 -2.26 -1.06
N PHE A 54 -12.44 -2.53 -1.44
CA PHE A 54 -12.27 -2.76 -2.86
C PHE A 54 -12.09 -4.21 -3.20
N PHE A 55 -11.56 -4.98 -2.26
CA PHE A 55 -11.21 -6.39 -2.50
C PHE A 55 -11.80 -7.51 -1.69
N GLU A 56 -12.50 -7.22 -0.59
CA GLU A 56 -12.89 -8.37 0.27
C GLU A 56 -13.98 -9.19 -0.43
N THR A 57 -14.85 -8.50 -1.15
CA THR A 57 -15.81 -9.17 -2.01
C THR A 57 -15.14 -10.26 -2.86
N THR A 58 -14.05 -9.89 -3.52
CA THR A 58 -13.33 -10.89 -4.31
C THR A 58 -12.69 -11.99 -3.48
N VAL A 59 -12.00 -11.66 -2.39
CA VAL A 59 -11.47 -12.78 -1.54
C VAL A 59 -12.57 -13.68 -0.97
N ASP A 60 -13.71 -13.10 -0.59
CA ASP A 60 -14.82 -13.84 -0.05
C ASP A 60 -15.25 -14.93 -1.02
N SER A 61 -15.48 -14.55 -2.27
CA SER A 61 -15.99 -15.46 -3.30
C SER A 61 -15.03 -16.62 -3.71
N VAL A 62 -13.75 -16.53 -3.44
CA VAL A 62 -12.95 -17.70 -3.73
C VAL A 62 -13.10 -18.70 -2.59
N SER A 63 -13.01 -18.21 -1.36
CA SER A 63 -12.61 -19.04 -0.23
C SER A 63 -13.78 -19.56 0.57
N TYR A 64 -14.92 -19.67 -0.11
CA TYR A 64 -16.20 -20.19 0.46
C TYR A 64 -17.23 -20.21 -0.65
N GLY A 65 -17.98 -21.31 -0.75
CA GLY A 65 -18.82 -21.53 -1.94
C GLY A 65 -20.32 -21.47 -1.67
N LYS A 66 -21.09 -21.19 -2.73
CA LYS A 66 -22.56 -21.19 -2.71
C LYS A 66 -23.09 -22.64 -2.62
N GLY A 67 -24.31 -22.82 -2.14
CA GLY A 67 -24.82 -24.14 -1.77
C GLY A 67 -26.00 -24.01 -0.81
N ASN A 68 -26.43 -25.12 -0.26
CA ASN A 68 -27.64 -25.15 0.59
C ASN A 68 -27.39 -24.77 2.05
N TRP A 69 -26.24 -24.15 2.28
CA TRP A 69 -25.93 -23.54 3.54
C TRP A 69 -25.91 -22.05 3.29
N THR A 70 -25.86 -21.27 4.35
CA THR A 70 -25.89 -19.84 4.21
C THR A 70 -24.64 -19.24 3.50
N SER A 71 -24.91 -18.30 2.60
CA SER A 71 -23.86 -17.65 1.90
C SER A 71 -23.18 -16.73 2.89
N SER A 72 -21.88 -16.76 2.87
CA SER A 72 -21.06 -15.84 3.58
C SER A 72 -20.97 -14.49 2.88
N ALA A 73 -20.33 -13.57 3.58
CA ALA A 73 -20.15 -12.22 3.14
C ALA A 73 -18.89 -11.76 3.82
N ILE A 74 -18.41 -10.61 3.39
CA ILE A 74 -17.14 -10.12 3.82
C ILE A 74 -17.27 -9.66 5.24
N GLN A 75 -16.16 -9.82 5.96
CA GLN A 75 -16.10 -9.50 7.37
C GLN A 75 -16.11 -7.98 7.63
N GLY A 76 -15.55 -7.23 6.68
CA GLY A 76 -15.17 -5.85 6.94
C GLY A 76 -14.08 -5.65 7.99
N PRO A 77 -13.65 -4.39 8.14
CA PRO A 77 -12.63 -3.94 9.07
C PRO A 77 -12.98 -3.91 10.57
N PHE A 78 -14.25 -4.15 10.93
CA PHE A 78 -14.73 -3.69 12.25
C PHE A 78 -15.08 -4.81 13.21
N PHE A 79 -14.68 -6.01 12.85
CA PHE A 79 -14.82 -7.06 13.81
C PHE A 79 -13.88 -6.93 15.04
N LYS A 80 -14.38 -7.30 16.21
CA LYS A 80 -13.57 -7.38 17.39
C LYS A 80 -13.78 -8.70 18.13
N GLU A 81 -12.68 -9.37 18.51
CA GLU A 81 -12.79 -10.59 19.34
C GLU A 81 -13.09 -10.22 20.76
N GLY A 82 -13.73 -11.13 21.50
CA GLY A 82 -14.07 -10.85 22.89
C GLY A 82 -15.45 -10.28 23.22
N ALA A 83 -16.33 -9.95 22.27
CA ALA A 83 -17.68 -9.49 22.64
C ALA A 83 -18.31 -10.38 23.73
N PRO A 84 -19.14 -9.79 24.61
CA PRO A 84 -19.69 -10.56 25.70
C PRO A 84 -20.79 -11.51 25.33
N LEU A 85 -20.85 -12.62 26.04
CA LEU A 85 -22.03 -13.42 26.02
C LEU A 85 -23.18 -12.62 26.55
N LEU A 86 -24.24 -12.50 25.75
CA LEU A 86 -25.46 -11.87 26.15
C LEU A 86 -26.45 -12.91 26.62
N THR A 87 -26.89 -12.81 27.87
CA THR A 87 -27.98 -13.68 28.36
C THR A 87 -29.03 -12.82 29.02
N GLY A 88 -30.28 -12.94 28.64
CA GLY A 88 -31.24 -11.88 29.04
C GLY A 88 -32.68 -12.33 29.01
N LYS A 89 -33.54 -11.48 29.57
CA LYS A 89 -35.01 -11.66 29.55
C LYS A 89 -35.26 -11.87 28.09
N PRO A 90 -34.90 -10.86 27.28
CA PRO A 90 -34.41 -10.86 25.88
C PRO A 90 -32.92 -10.41 25.85
N ALA A 91 -32.04 -11.18 25.23
CA ALA A 91 -30.66 -10.72 25.14
C ALA A 91 -30.61 -9.40 24.42
N THR A 92 -29.83 -8.47 24.89
CA THR A 92 -29.76 -7.16 24.23
C THR A 92 -28.30 -6.69 24.11
N LEU A 93 -27.94 -6.26 22.90
CA LEU A 93 -26.61 -5.80 22.67
C LEU A 93 -26.31 -4.60 23.56
N PRO A 94 -25.09 -4.51 24.07
CA PRO A 94 -24.72 -3.49 24.95
C PRO A 94 -24.82 -2.21 24.18
N MET A 95 -25.37 -1.18 24.83
CA MET A 95 -25.85 -0.06 24.08
C MET A 95 -25.78 1.10 25.05
N ARG A 96 -25.50 2.31 24.59
CA ARG A 96 -25.51 3.44 25.48
C ARG A 96 -26.92 3.77 25.81
N ALA A 97 -27.12 4.54 26.85
CA ALA A 97 -28.45 4.97 27.28
C ALA A 97 -29.05 5.81 26.15
N ASP A 98 -30.33 5.54 25.85
CA ASP A 98 -31.07 6.41 24.93
C ASP A 98 -30.34 6.32 23.60
N GLU A 99 -29.85 5.12 23.30
CA GLU A 99 -29.10 4.82 22.08
C GLU A 99 -30.03 5.00 20.88
N PRO A 100 -29.72 5.96 20.01
CA PRO A 100 -30.59 6.42 18.93
C PRO A 100 -30.96 5.34 17.90
N GLY A 101 -32.21 5.33 17.45
CA GLY A 101 -32.66 4.39 16.40
C GLY A 101 -33.85 3.54 16.78
N ASP A 102 -34.42 2.93 15.78
CA ASP A 102 -35.59 2.09 15.96
C ASP A 102 -35.22 0.83 16.70
N ARG A 103 -36.05 0.35 17.61
CA ARG A 103 -35.73 -0.91 18.28
C ARG A 103 -35.99 -2.05 17.32
N MET A 104 -34.94 -2.85 17.09
CA MET A 104 -34.97 -4.01 16.21
C MET A 104 -34.91 -5.23 17.08
N ARG A 105 -35.62 -6.27 16.63
CA ARG A 105 -35.76 -7.59 17.31
C ARG A 105 -35.38 -8.69 16.30
N PHE A 106 -34.31 -9.43 16.61
CA PHE A 106 -33.79 -10.39 15.65
C PHE A 106 -34.07 -11.81 16.09
N THR A 107 -34.70 -12.60 15.22
CA THR A 107 -35.00 -13.98 15.57
C THR A 107 -34.50 -14.85 14.45
N GLY A 108 -34.46 -16.15 14.73
CA GLY A 108 -34.10 -17.13 13.72
C GLY A 108 -33.58 -18.38 14.38
N SER A 109 -32.71 -19.09 13.67
CA SER A 109 -32.04 -20.24 14.26
C SER A 109 -30.66 -20.46 13.59
N VAL A 110 -29.95 -21.46 14.09
CA VAL A 110 -28.81 -22.02 13.42
C VAL A 110 -29.14 -23.50 13.38
N ARG A 111 -29.01 -24.11 12.20
CA ARG A 111 -29.13 -25.59 12.00
C ARG A 111 -28.06 -26.06 11.05
N ASP A 112 -27.99 -27.38 10.86
CA ASP A 112 -27.05 -27.97 9.88
C ASP A 112 -27.66 -28.29 8.48
N THR A 113 -26.82 -28.74 7.53
CA THR A 113 -27.29 -29.09 6.18
C THR A 113 -28.24 -30.25 6.28
N SER A 114 -28.38 -30.84 7.45
CA SER A 114 -29.36 -31.91 7.61
C SER A 114 -30.65 -31.49 8.33
N GLY A 115 -30.71 -30.25 8.84
CA GLY A 115 -31.91 -29.75 9.59
C GLY A 115 -31.83 -29.67 11.14
N THR A 116 -30.90 -30.43 11.72
CA THR A 116 -30.63 -30.42 13.17
C THR A 116 -30.15 -29.07 13.69
N PRO A 117 -30.87 -28.48 14.67
CA PRO A 117 -30.29 -27.29 15.36
C PRO A 117 -28.81 -27.54 15.86
N ILE A 118 -27.97 -26.53 15.72
CA ILE A 118 -26.60 -26.61 16.17
C ILE A 118 -26.53 -25.84 17.47
N THR A 119 -26.67 -26.53 18.59
CA THR A 119 -26.83 -25.87 19.87
C THR A 119 -25.51 -25.38 20.42
N GLY A 120 -24.41 -25.82 19.80
CA GLY A 120 -23.06 -25.46 20.24
C GLY A 120 -22.48 -24.25 19.53
N ALA A 121 -23.30 -23.53 18.79
CA ALA A 121 -22.80 -22.39 18.08
C ALA A 121 -22.90 -21.20 19.00
N VAL A 122 -21.98 -20.26 18.79
CA VAL A 122 -22.03 -18.94 19.40
C VAL A 122 -22.06 -18.03 18.20
N ILE A 123 -22.84 -16.96 18.25
CA ILE A 123 -23.00 -16.06 17.13
C ILE A 123 -22.52 -14.68 17.54
N ASP A 124 -21.52 -14.17 16.83
CA ASP A 124 -21.05 -12.85 17.13
C ASP A 124 -21.90 -11.94 16.32
N VAL A 125 -22.26 -10.79 16.87
CA VAL A 125 -22.93 -9.83 16.04
C VAL A 125 -22.29 -8.51 16.28
N TRP A 126 -22.18 -7.72 15.23
CA TRP A 126 -21.74 -6.32 15.40
C TRP A 126 -22.30 -5.47 14.30
N HIS A 127 -22.77 -4.26 14.64
CA HIS A 127 -23.21 -3.30 13.61
C HIS A 127 -22.86 -1.88 14.02
N SER A 128 -23.04 -0.89 13.15
CA SER A 128 -22.80 0.47 13.53
C SER A 128 -23.90 1.08 14.37
N THR A 129 -23.55 2.22 14.98
CA THR A 129 -24.54 3.13 15.53
C THR A 129 -25.26 3.80 14.35
N ASN A 130 -26.50 4.26 14.57
CA ASN A 130 -27.19 5.17 13.64
C ASN A 130 -26.23 6.16 13.16
N ASP A 131 -25.49 6.73 14.10
CA ASP A 131 -24.56 7.73 13.71
C ASP A 131 -23.47 7.20 12.72
N GLY A 132 -23.52 5.95 12.29
CA GLY A 132 -22.53 5.47 11.35
C GLY A 132 -21.15 5.18 11.97
N ASN A 133 -21.13 4.87 13.25
CA ASN A 133 -19.87 4.52 13.94
C ASN A 133 -19.85 3.17 14.63
N TYR A 134 -18.69 2.50 14.53
CA TYR A 134 -18.41 1.24 15.16
C TYR A 134 -17.50 1.38 16.41
N SER A 135 -17.82 0.67 17.50
CA SER A 135 -17.03 0.78 18.68
C SER A 135 -15.73 0.06 18.48
N PHE A 136 -14.70 0.66 19.05
CA PHE A 136 -13.25 0.28 18.96
C PHE A 136 -12.61 0.89 17.71
N PHE A 137 -13.40 1.48 16.82
CA PHE A 137 -12.91 1.98 15.56
C PHE A 137 -13.44 3.37 15.25
N SER A 138 -13.65 4.13 16.30
CA SER A 138 -14.08 5.48 16.13
C SER A 138 -13.56 6.27 17.27
N PRO A 139 -12.89 7.39 16.95
CA PRO A 139 -12.49 8.24 18.12
C PRO A 139 -13.72 8.95 18.73
N ALA A 140 -14.91 8.69 18.16
CA ALA A 140 -16.14 9.19 18.69
C ALA A 140 -16.92 8.13 19.47
N LEU A 141 -16.42 6.90 19.54
CA LEU A 141 -16.99 5.99 20.53
C LEU A 141 -15.86 5.44 21.36
N PRO A 142 -16.12 5.06 22.63
CA PRO A 142 -15.13 4.44 23.53
C PRO A 142 -14.73 3.04 23.13
N ASP A 143 -13.48 2.65 23.33
CA ASP A 143 -13.12 1.22 23.16
C ASP A 143 -13.74 0.29 24.19
N GLN A 144 -15.06 0.11 24.04
CA GLN A 144 -15.75 -0.89 24.80
C GLN A 144 -16.75 -1.59 23.87
N TYR A 145 -17.16 -2.78 24.24
CA TYR A 145 -18.11 -3.52 23.46
C TYR A 145 -19.50 -2.89 23.48
N LEU A 146 -19.73 -2.01 22.52
CA LEU A 146 -21.02 -1.43 22.23
C LEU A 146 -21.58 -2.06 20.96
N LEU A 147 -22.88 -2.28 20.88
CA LEU A 147 -23.43 -2.94 19.76
C LEU A 147 -22.53 -4.06 19.25
N ARG A 148 -21.93 -4.80 20.18
CA ARG A 148 -21.31 -6.07 19.89
C ARG A 148 -21.66 -7.01 21.04
N GLY A 149 -21.88 -8.30 20.75
CA GLY A 149 -22.11 -9.29 21.80
C GLY A 149 -22.18 -10.67 21.18
N ARG A 150 -22.24 -11.71 21.98
CA ARG A 150 -22.29 -13.03 21.43
C ARG A 150 -23.61 -13.66 21.88
N VAL A 151 -24.43 -14.11 20.94
CA VAL A 151 -25.70 -14.73 21.30
C VAL A 151 -25.50 -16.24 21.19
N VAL A 152 -26.24 -17.03 21.98
CA VAL A 152 -26.14 -18.48 21.80
C VAL A 152 -27.53 -19.02 21.63
N PRO A 153 -27.70 -20.13 20.89
CA PRO A 153 -29.06 -20.49 20.60
C PRO A 153 -29.67 -21.25 21.77
N ALA A 154 -30.99 -21.36 21.83
CA ALA A 154 -31.60 -22.10 22.94
C ALA A 154 -31.45 -23.57 22.68
N GLU A 155 -31.79 -24.42 23.64
CA GLU A 155 -31.68 -25.86 23.42
C GLU A 155 -32.32 -26.29 22.14
N ASP A 156 -33.22 -25.49 21.61
CA ASP A 156 -34.02 -25.91 20.49
C ASP A 156 -33.47 -25.15 19.31
N GLY A 157 -32.35 -24.48 19.52
CA GLY A 157 -31.59 -23.89 18.41
C GLY A 157 -32.06 -22.58 17.83
N SER A 158 -33.09 -21.98 18.42
CA SER A 158 -33.55 -20.68 17.96
C SER A 158 -32.67 -19.62 18.58
N ILE A 159 -32.61 -18.45 17.94
CA ILE A 159 -31.85 -17.36 18.46
C ILE A 159 -32.79 -16.21 18.52
N GLU A 160 -32.46 -15.27 19.40
CA GLU A 160 -33.18 -14.05 19.61
C GLU A 160 -32.19 -13.10 20.25
N PHE A 161 -32.03 -11.93 19.64
CA PHE A 161 -31.53 -10.80 20.35
C PHE A 161 -32.31 -9.54 19.97
N HIS A 162 -32.29 -8.59 20.88
CA HIS A 162 -32.81 -7.26 20.65
C HIS A 162 -31.72 -6.26 20.44
N SER A 163 -32.03 -5.14 19.79
CA SER A 163 -31.00 -4.16 19.50
C SER A 163 -31.57 -2.94 18.76
N ILE A 164 -30.75 -2.02 18.28
CA ILE A 164 -31.28 -0.95 17.43
C ILE A 164 -30.97 -1.37 16.05
N ARG A 165 -31.70 -0.80 15.11
CA ARG A 165 -31.70 -1.29 13.78
C ARG A 165 -30.71 -0.48 12.98
N PRO A 166 -29.71 -1.14 12.38
CA PRO A 166 -28.70 -0.36 11.66
C PRO A 166 -29.32 0.45 10.52
N VAL A 167 -28.56 1.47 10.10
CA VAL A 167 -29.03 2.37 9.07
C VAL A 167 -27.93 2.41 8.08
N PRO A 168 -28.18 2.95 6.89
CA PRO A 168 -27.04 3.02 5.96
C PRO A 168 -25.82 3.78 6.53
N TYR A 169 -24.66 3.26 6.20
CA TYR A 169 -23.38 3.70 6.83
C TYR A 169 -22.55 4.39 5.71
N GLU A 170 -21.96 5.54 5.99
CA GLU A 170 -21.12 6.18 4.98
C GLU A 170 -19.65 6.21 5.45
N ILE A 171 -18.75 5.65 4.64
CA ILE A 171 -17.33 5.70 4.93
C ILE A 171 -16.99 7.18 5.03
N PRO A 172 -16.29 7.60 6.10
CA PRO A 172 -16.14 9.04 6.35
C PRO A 172 -15.50 9.77 5.17
N LYS A 173 -16.25 10.72 4.63
CA LYS A 173 -15.89 11.43 3.39
C LYS A 173 -14.54 12.02 3.57
N ALA A 174 -14.24 12.39 4.82
CA ALA A 174 -12.97 13.06 5.19
C ALA A 174 -11.70 12.14 5.18
N GLY A 175 -11.90 10.82 5.14
CA GLY A 175 -10.78 9.88 5.12
C GLY A 175 -10.12 9.90 3.77
N PRO A 176 -8.96 9.25 3.64
CA PRO A 176 -8.39 9.01 2.35
C PRO A 176 -9.29 8.16 1.49
N THR A 177 -9.81 7.06 2.05
CA THR A 177 -10.76 6.15 1.36
C THR A 177 -11.97 6.93 0.88
N GLY A 178 -12.60 7.68 1.76
CA GLY A 178 -13.83 8.38 1.43
C GLY A 178 -13.57 9.42 0.39
N GLN A 179 -12.43 10.08 0.54
CA GLN A 179 -12.01 11.12 -0.41
C GLN A 179 -11.86 10.51 -1.79
N LEU A 180 -11.25 9.34 -1.87
CA LEU A 180 -11.11 8.69 -3.14
C LEU A 180 -12.50 8.46 -3.72
N MET A 181 -13.33 7.73 -3.01
CA MET A 181 -14.65 7.32 -3.48
C MET A 181 -15.61 8.47 -3.83
N ASN A 182 -15.62 9.50 -2.97
CA ASN A 182 -16.58 10.59 -3.05
C ASN A 182 -16.13 11.71 -3.96
N SER A 183 -15.00 12.31 -3.62
CA SER A 183 -14.34 13.27 -4.49
C SER A 183 -13.66 12.63 -5.69
N TYR A 184 -12.55 11.95 -5.48
CA TYR A 184 -11.73 11.57 -6.61
C TYR A 184 -12.47 10.80 -7.65
N LEU A 185 -13.27 9.80 -7.26
CA LEU A 185 -14.09 9.02 -8.20
C LEU A 185 -15.50 9.52 -8.46
N GLY A 186 -15.92 10.56 -7.74
CA GLY A 186 -17.20 11.17 -7.98
C GLY A 186 -18.31 10.17 -7.89
N ARG A 187 -18.22 9.29 -6.89
CA ARG A 187 -19.21 8.25 -6.60
C ARG A 187 -19.68 8.49 -5.19
N HIS A 188 -20.29 7.53 -4.52
CA HIS A 188 -20.50 7.76 -3.11
C HIS A 188 -19.64 6.80 -2.24
N SER A 189 -19.95 6.71 -0.94
CA SER A 189 -19.22 5.83 -0.06
C SER A 189 -20.14 5.24 0.97
N TRP A 190 -21.38 4.98 0.55
CA TRP A 190 -22.42 4.38 1.38
C TRP A 190 -22.54 2.87 1.18
N ARG A 191 -22.58 2.18 2.33
CA ARG A 191 -23.11 0.81 2.55
C ARG A 191 -24.52 0.86 3.12
N PRO A 192 -25.36 -0.12 2.75
CA PRO A 192 -26.68 -0.29 3.33
C PRO A 192 -26.61 -0.82 4.76
N ALA A 193 -27.64 -0.54 5.53
CA ALA A 193 -27.71 -1.00 6.90
C ALA A 193 -27.50 -2.48 6.82
N HIS A 194 -26.56 -2.97 7.60
CA HIS A 194 -26.25 -4.37 7.61
C HIS A 194 -25.91 -4.75 9.03
N ILE A 195 -26.05 -6.04 9.33
CA ILE A 195 -25.65 -6.58 10.63
C ILE A 195 -24.56 -7.58 10.37
N HIS A 196 -23.37 -7.41 10.93
CA HIS A 196 -22.34 -8.44 10.70
C HIS A 196 -22.67 -9.60 11.55
N ILE A 197 -22.46 -10.81 11.03
CA ILE A 197 -22.63 -12.03 11.81
C ILE A 197 -21.38 -12.93 11.72
N ARG A 198 -21.04 -13.57 12.85
CA ARG A 198 -20.16 -14.74 12.79
C ARG A 198 -20.64 -15.96 13.59
N ILE A 199 -20.74 -17.10 12.95
CA ILE A 199 -21.08 -18.28 13.69
C ILE A 199 -19.93 -19.31 13.68
N THR A 200 -19.50 -19.72 14.85
CA THR A 200 -18.56 -20.82 14.94
C THR A 200 -19.20 -21.96 15.75
N ALA A 201 -18.84 -23.19 15.46
CA ALA A 201 -19.35 -24.28 16.27
C ALA A 201 -18.52 -25.53 16.01
N ASP A 202 -18.09 -26.21 17.09
CA ASP A 202 -17.38 -27.47 16.93
C ASP A 202 -18.10 -28.35 15.94
N GLY A 203 -17.37 -28.87 14.96
CA GLY A 203 -17.96 -29.70 13.92
C GLY A 203 -18.22 -28.93 12.63
N TYR A 204 -18.24 -27.61 12.69
CA TYR A 204 -18.70 -26.88 11.56
C TYR A 204 -17.66 -25.89 11.09
N ARG A 205 -17.73 -25.60 9.78
CA ARG A 205 -16.96 -24.55 9.21
C ARG A 205 -17.59 -23.26 9.65
N PRO A 206 -16.75 -22.33 10.14
CA PRO A 206 -17.22 -21.04 10.65
C PRO A 206 -17.83 -20.23 9.54
N LEU A 207 -18.85 -19.42 9.84
CA LEU A 207 -19.57 -18.59 8.86
C LEU A 207 -19.49 -17.15 9.33
N ILE A 208 -19.17 -16.25 8.39
CA ILE A 208 -19.17 -14.83 8.66
C ILE A 208 -19.99 -14.30 7.53
N THR A 209 -20.96 -13.46 7.85
CA THR A 209 -21.91 -13.07 6.84
C THR A 209 -22.46 -11.72 7.26
N GLN A 210 -23.37 -11.16 6.49
CA GLN A 210 -24.00 -9.89 6.82
C GLN A 210 -25.49 -9.92 6.44
N LEU A 211 -26.31 -9.15 7.12
CA LEU A 211 -27.75 -9.24 6.82
C LEU A 211 -28.30 -7.90 6.36
N TYR A 212 -28.90 -7.88 5.20
CA TYR A 212 -29.39 -6.64 4.72
C TYR A 212 -30.92 -6.51 4.92
N PHE A 213 -31.43 -5.32 4.65
CA PHE A 213 -32.79 -5.02 4.91
C PHE A 213 -33.50 -4.66 3.59
N GLU A 214 -34.71 -5.20 3.39
CA GLU A 214 -35.41 -4.99 2.16
C GLU A 214 -35.83 -3.55 2.16
N GLY A 215 -35.72 -2.91 0.99
CA GLY A 215 -36.11 -1.52 0.79
C GLY A 215 -34.86 -0.68 0.91
N ASP A 216 -33.86 -1.22 1.57
CA ASP A 216 -32.65 -0.47 1.82
C ASP A 216 -32.21 0.22 0.54
N PRO A 217 -32.29 1.53 0.57
CA PRO A 217 -32.02 2.42 -0.53
C PRO A 217 -30.64 2.23 -1.16
N TYR A 218 -29.68 1.62 -0.47
CA TYR A 218 -28.36 1.46 -1.12
C TYR A 218 -28.14 0.04 -1.59
N LEU A 219 -29.23 -0.70 -1.67
CA LEU A 219 -29.11 -2.14 -1.83
C LEU A 219 -28.49 -2.49 -3.17
N ASP A 220 -28.92 -1.76 -4.21
CA ASP A 220 -28.49 -1.92 -5.60
C ASP A 220 -27.26 -1.07 -5.90
N SER A 221 -26.60 -0.60 -4.84
CA SER A 221 -25.49 0.32 -4.97
C SER A 221 -24.54 0.39 -3.73
N ASP A 222 -24.09 -0.77 -3.26
CA ASP A 222 -23.14 -0.85 -2.15
C ASP A 222 -21.73 -0.33 -2.49
N SER A 223 -21.14 0.54 -1.67
CA SER A 223 -19.75 0.98 -1.94
C SER A 223 -18.78 -0.17 -2.00
N CYS A 224 -18.90 -1.08 -1.05
CA CYS A 224 -18.04 -2.24 -1.03
C CYS A 224 -18.58 -3.31 -1.98
N SER A 225 -19.84 -3.15 -2.37
CA SER A 225 -20.45 -4.05 -3.34
C SER A 225 -20.39 -5.46 -2.82
N ALA A 226 -21.04 -5.64 -1.68
CA ALA A 226 -21.06 -6.93 -0.99
C ALA A 226 -22.42 -7.45 -0.63
N VAL A 227 -23.49 -7.00 -1.29
CA VAL A 227 -24.83 -7.51 -0.94
C VAL A 227 -25.13 -8.74 -1.77
N LYS A 228 -25.89 -9.66 -1.23
CA LYS A 228 -26.32 -10.81 -1.97
C LYS A 228 -27.84 -10.97 -1.78
N SER A 229 -28.59 -11.15 -2.87
CA SER A 229 -30.04 -11.25 -2.73
C SER A 229 -30.48 -12.17 -1.61
N GLU A 230 -29.93 -13.37 -1.58
CA GLU A 230 -30.30 -14.32 -0.53
C GLU A 230 -30.17 -13.81 0.93
N LEU A 231 -29.59 -12.63 1.13
CA LEU A 231 -29.17 -12.19 2.46
C LEU A 231 -29.87 -10.91 2.80
N VAL A 232 -30.89 -10.60 2.02
CA VAL A 232 -31.69 -9.42 2.28
C VAL A 232 -32.96 -9.81 3.01
N LEU A 233 -33.04 -9.52 4.29
CA LEU A 233 -34.23 -9.81 5.11
C LEU A 233 -35.40 -8.84 4.90
N PRO A 234 -36.59 -9.41 4.74
CA PRO A 234 -37.81 -8.62 4.83
C PRO A 234 -37.81 -7.92 6.18
N VAL A 235 -38.48 -6.78 6.29
CA VAL A 235 -38.63 -6.20 7.61
C VAL A 235 -40.08 -6.09 7.98
N ASN A 236 -40.41 -6.63 9.14
CA ASN A 236 -41.78 -6.51 9.61
C ASN A 236 -41.95 -5.56 10.77
N LYS A 237 -42.56 -4.41 10.47
CA LYS A 237 -42.77 -3.36 11.47
C LYS A 237 -43.95 -3.65 12.41
N ILE A 238 -43.90 -4.77 13.14
CA ILE A 238 -45.04 -5.23 13.98
C ILE A 238 -44.98 -4.75 15.47
N ASP A 239 -45.45 -3.51 15.69
CA ASP A 239 -45.62 -2.82 17.04
C ASP A 239 -46.19 -3.55 18.27
N ILE A 240 -45.75 -3.09 19.46
CA ILE A 240 -45.98 -3.74 20.76
C ILE A 240 -45.71 -2.73 21.89
N ASP A 241 -46.55 -2.85 22.95
CA ASP A 241 -46.74 -1.82 24.00
C ASP A 241 -46.90 -0.40 23.41
N GLY A 242 -47.79 -0.25 22.42
CA GLY A 242 -47.96 1.01 21.67
C GLY A 242 -46.66 1.72 21.30
N GLU A 243 -45.67 0.94 20.83
CA GLU A 243 -44.35 1.47 20.43
C GLU A 243 -43.79 0.67 19.21
N THR A 244 -42.91 1.33 18.46
CA THR A 244 -42.53 0.94 17.10
C THR A 244 -41.29 -0.02 16.97
N TRP A 245 -41.52 -1.35 17.00
CA TRP A 245 -40.45 -2.36 16.78
C TRP A 245 -40.15 -2.74 15.31
N GLN A 246 -38.90 -3.14 15.04
CA GLN A 246 -38.60 -3.73 13.73
C GLN A 246 -38.16 -5.17 13.94
N LEU A 247 -38.73 -6.06 13.14
CA LEU A 247 -38.72 -7.47 13.36
C LEU A 247 -38.02 -8.10 12.21
N VAL A 248 -37.01 -8.86 12.52
CA VAL A 248 -36.18 -9.38 11.48
C VAL A 248 -35.90 -10.85 11.88
N ASP A 249 -35.84 -11.75 10.92
CA ASP A 249 -35.74 -13.17 11.23
C ASP A 249 -34.83 -13.76 10.18
N PHE A 250 -33.87 -14.59 10.59
CA PHE A 250 -33.08 -15.31 9.65
C PHE A 250 -32.77 -16.71 10.17
N ASN A 251 -32.78 -17.70 9.26
CA ASN A 251 -32.36 -19.07 9.64
C ASN A 251 -31.04 -19.45 9.06
N PHE A 252 -30.05 -19.55 9.94
CA PHE A 252 -28.70 -19.91 9.57
C PHE A 252 -28.57 -21.42 9.35
N ILE A 253 -27.78 -21.75 8.35
CA ILE A 253 -27.45 -23.12 8.06
C ILE A 253 -25.93 -23.20 7.88
N LEU A 254 -25.35 -24.20 8.53
CA LEU A 254 -23.92 -24.45 8.62
C LEU A 254 -23.47 -25.71 7.88
N GLN A 255 -22.30 -25.65 7.22
CA GLN A 255 -21.70 -26.84 6.62
C GLN A 255 -20.92 -27.47 7.69
N HIS A 256 -20.84 -28.80 7.63
CA HIS A 256 -19.97 -29.61 8.45
C HIS A 256 -18.50 -29.52 8.12
N ASN A 257 -17.74 -29.74 9.19
CA ASN A 257 -16.33 -30.11 9.24
C ASN A 257 -15.61 -29.06 10.05
N ALA B 2 -7.96 14.46 -10.07
CA ALA B 2 -8.32 14.74 -11.49
C ALA B 2 -9.27 13.65 -11.93
N ASN B 3 -10.41 13.60 -11.24
CA ASN B 3 -11.57 12.88 -11.70
C ASN B 3 -11.26 11.91 -12.86
N THR B 4 -11.41 12.35 -14.11
CA THR B 4 -11.52 11.39 -15.26
C THR B 4 -10.33 10.43 -15.46
N ARG B 5 -9.13 10.91 -15.16
CA ARG B 5 -7.93 10.09 -15.29
C ARG B 5 -7.78 9.06 -14.16
N VAL B 6 -7.80 9.53 -12.92
CA VAL B 6 -7.99 8.63 -11.79
C VAL B 6 -9.17 7.65 -11.96
N ILE B 7 -10.40 8.10 -12.30
CA ILE B 7 -11.48 7.12 -12.60
C ILE B 7 -11.04 5.98 -13.52
N GLU B 8 -10.32 6.32 -14.58
CA GLU B 8 -9.95 5.35 -15.59
C GLU B 8 -9.04 4.26 -15.08
N LEU B 9 -8.01 4.70 -14.37
CA LEU B 9 -6.93 3.84 -13.94
C LEU B 9 -7.37 2.99 -12.81
N PHE B 10 -8.14 3.60 -11.93
CA PHE B 10 -8.63 2.90 -10.77
C PHE B 10 -9.41 1.66 -11.13
N ASP B 11 -10.44 1.85 -11.93
CA ASP B 11 -11.31 0.77 -12.29
C ASP B 11 -10.50 -0.32 -12.93
N GLU B 12 -9.56 0.07 -13.76
CA GLU B 12 -8.82 -0.91 -14.51
C GLU B 12 -7.87 -1.59 -13.54
N PHE B 13 -7.32 -0.79 -12.60
CA PHE B 13 -6.46 -1.30 -11.55
C PHE B 13 -7.22 -2.30 -10.65
N THR B 14 -8.36 -1.86 -10.16
CA THR B 14 -9.25 -2.71 -9.43
C THR B 14 -9.49 -4.02 -10.13
N ASP B 15 -9.92 -3.98 -11.38
CA ASP B 15 -10.22 -5.25 -12.05
C ASP B 15 -8.98 -6.11 -12.13
N LEU B 16 -7.85 -5.46 -12.33
CA LEU B 16 -6.62 -6.17 -12.47
C LEU B 16 -6.31 -6.99 -11.22
N ILE B 17 -6.37 -6.37 -10.04
CA ILE B 17 -6.17 -7.08 -8.77
C ILE B 17 -7.24 -8.12 -8.53
N ARG B 18 -8.51 -7.76 -8.63
CA ARG B 18 -9.58 -8.73 -8.34
C ARG B 18 -9.40 -10.02 -9.14
N ASP B 19 -9.05 -9.88 -10.43
CA ASP B 19 -8.67 -10.97 -11.30
C ASP B 19 -7.46 -11.69 -10.76
N PHE B 20 -6.55 -10.95 -10.11
CA PHE B 20 -5.37 -11.57 -9.55
C PHE B 20 -5.72 -12.48 -8.36
N ILE B 21 -6.54 -11.93 -7.45
CA ILE B 21 -7.19 -12.64 -6.33
C ILE B 21 -7.95 -13.95 -6.79
N VAL B 22 -8.77 -13.87 -7.84
CA VAL B 22 -9.55 -14.99 -8.26
C VAL B 22 -8.62 -16.10 -8.80
N ARG B 23 -7.78 -15.75 -9.80
CA ARG B 23 -6.97 -16.74 -10.53
C ARG B 23 -6.09 -17.47 -9.55
N HIS B 24 -5.74 -16.82 -8.46
CA HIS B 24 -4.84 -17.43 -7.53
C HIS B 24 -5.51 -17.83 -6.25
N GLU B 25 -6.83 -17.74 -6.27
CA GLU B 25 -7.64 -18.16 -5.12
C GLU B 25 -6.93 -17.71 -3.81
N ILE B 26 -6.70 -16.40 -3.70
CA ILE B 26 -6.04 -15.88 -2.54
C ILE B 26 -7.01 -15.97 -1.42
N THR B 27 -6.61 -16.78 -0.43
CA THR B 27 -7.43 -17.07 0.71
C THR B 27 -7.50 -15.90 1.68
N THR B 28 -8.22 -16.10 2.75
CA THR B 28 -8.44 -15.03 3.69
C THR B 28 -7.15 -14.83 4.48
N PRO B 29 -6.61 -15.89 5.10
CA PRO B 29 -5.33 -15.69 5.82
C PRO B 29 -4.24 -15.02 4.97
N GLU B 30 -4.19 -15.39 3.70
CA GLU B 30 -3.41 -14.65 2.73
C GLU B 30 -3.73 -13.15 2.64
N TYR B 31 -4.94 -12.84 2.19
CA TYR B 31 -5.44 -11.46 2.26
C TYR B 31 -4.92 -10.76 3.50
N GLU B 32 -5.03 -11.44 4.65
CA GLU B 32 -4.85 -10.90 5.98
C GLU B 32 -3.38 -10.65 6.25
N THR B 33 -2.55 -11.58 5.81
CA THR B 33 -1.13 -11.37 5.80
C THR B 33 -0.76 -10.20 4.90
N ILE B 34 -1.32 -10.15 3.68
CA ILE B 34 -1.01 -9.06 2.80
C ILE B 34 -1.29 -7.76 3.55
N MET B 35 -2.49 -7.66 4.12
CA MET B 35 -2.96 -6.41 4.65
C MET B 35 -2.07 -6.00 5.79
N GLN B 36 -1.83 -6.96 6.69
CA GLN B 36 -0.87 -6.87 7.78
C GLN B 36 0.45 -6.32 7.33
N TYR B 37 1.00 -6.98 6.31
CA TYR B 37 2.24 -6.57 5.73
C TYR B 37 2.21 -5.12 5.24
N MET B 38 1.21 -4.76 4.44
CA MET B 38 1.16 -3.42 3.93
C MET B 38 1.13 -2.47 5.10
N ILE B 39 0.46 -2.85 6.20
CA ILE B 39 0.46 -1.99 7.40
C ILE B 39 1.88 -1.82 7.93
N SER B 40 2.56 -2.93 8.25
CA SER B 40 4.00 -2.87 8.49
C SER B 40 4.68 -1.71 7.73
N VAL B 41 4.70 -1.78 6.40
CA VAL B 41 5.43 -0.84 5.62
C VAL B 41 5.09 0.60 5.92
N GLY B 42 3.81 0.79 6.21
CA GLY B 42 3.28 2.10 6.54
C GLY B 42 3.90 2.51 7.87
N GLU B 43 3.82 1.60 8.83
CA GLU B 43 4.21 1.90 10.19
C GLU B 43 5.69 2.29 10.30
N ALA B 44 6.59 1.59 9.62
CA ALA B 44 7.92 2.17 9.36
C ALA B 44 7.75 3.19 8.23
N GLY B 45 8.84 3.75 7.73
CA GLY B 45 8.68 4.83 6.77
C GLY B 45 8.98 4.37 5.36
N GLU B 46 8.42 3.23 4.97
CA GLU B 46 8.96 2.57 3.81
C GLU B 46 8.28 2.83 2.47
N TRP B 47 7.16 3.52 2.46
CA TRP B 47 6.47 3.60 1.19
C TRP B 47 7.34 4.09 0.02
N PRO B 48 8.10 5.21 0.18
CA PRO B 48 8.93 5.66 -0.94
C PRO B 48 10.06 4.65 -1.11
N LEU B 49 10.52 4.10 0.00
CA LEU B 49 11.54 3.12 -0.14
C LEU B 49 11.01 1.94 -0.93
N TRP B 50 9.86 1.38 -0.47
CA TRP B 50 9.30 0.12 -1.00
C TRP B 50 8.82 0.32 -2.42
N LEU B 51 8.07 1.38 -2.62
CA LEU B 51 7.65 1.71 -3.96
C LEU B 51 8.83 1.99 -4.91
N ASP B 52 9.78 2.85 -4.51
CA ASP B 52 10.93 3.18 -5.38
C ASP B 52 11.72 1.92 -5.70
N ALA B 53 11.84 1.00 -4.73
CA ALA B 53 12.54 -0.26 -4.96
C ALA B 53 11.99 -1.11 -6.10
N PHE B 54 10.67 -1.23 -6.24
CA PHE B 54 10.14 -2.18 -7.24
C PHE B 54 9.58 -1.56 -8.47
N PHE B 55 9.26 -0.28 -8.39
CA PHE B 55 8.42 0.32 -9.41
C PHE B 55 8.93 1.58 -10.12
N GLU B 56 9.90 2.31 -9.60
CA GLU B 56 10.23 3.61 -10.22
C GLU B 56 11.04 3.44 -11.47
N THR B 57 11.94 2.47 -11.45
CA THR B 57 12.61 2.07 -12.67
C THR B 57 11.66 2.17 -13.88
N THR B 58 10.39 1.84 -13.64
CA THR B 58 9.42 1.71 -14.68
C THR B 58 8.68 3.01 -14.86
N VAL B 59 8.26 3.62 -13.76
CA VAL B 59 7.72 4.97 -13.82
C VAL B 59 8.67 5.86 -14.60
N ASP B 60 9.93 5.45 -14.64
CA ASP B 60 11.05 6.16 -15.23
C ASP B 60 11.10 5.90 -16.73
N SER B 61 11.26 4.63 -17.10
CA SER B 61 11.16 4.17 -18.47
C SER B 61 10.00 4.83 -19.27
N VAL B 62 8.91 5.13 -18.60
CA VAL B 62 7.80 5.81 -19.25
C VAL B 62 8.03 7.32 -19.42
N SER B 63 8.62 7.93 -18.40
CA SER B 63 8.70 9.38 -18.32
C SER B 63 9.67 10.00 -19.31
N TYR B 64 10.82 9.35 -19.51
CA TYR B 64 11.90 9.90 -20.35
C TYR B 64 12.35 9.03 -21.55
N GLY B 65 12.38 7.70 -21.36
CA GLY B 65 12.48 6.73 -22.48
C GLY B 65 13.69 6.78 -23.40
N LYS B 66 14.24 5.58 -23.68
CA LYS B 66 15.49 5.39 -24.45
C LYS B 66 15.68 6.30 -25.67
N GLY B 67 16.91 6.34 -26.19
CA GLY B 67 17.28 7.26 -27.28
C GLY B 67 18.61 7.92 -27.00
N ASN B 68 19.07 8.79 -27.91
CA ASN B 68 20.46 9.28 -27.83
C ASN B 68 20.76 10.45 -26.86
N TRP B 69 19.79 10.76 -26.02
CA TRP B 69 20.02 11.61 -24.85
C TRP B 69 21.01 10.88 -23.98
N THR B 70 21.21 11.38 -22.76
CA THR B 70 21.72 10.50 -21.76
C THR B 70 20.48 9.93 -21.13
N SER B 71 20.52 8.62 -20.91
CA SER B 71 19.45 7.91 -20.22
C SER B 71 19.31 8.39 -18.78
N SER B 72 18.06 8.74 -18.43
CA SER B 72 17.68 8.94 -17.06
C SER B 72 17.75 7.62 -16.29
N ALA B 73 17.60 7.71 -14.97
CA ALA B 73 17.50 6.57 -14.09
C ALA B 73 16.71 7.04 -12.90
N ILE B 74 16.53 6.15 -11.93
CA ILE B 74 15.60 6.36 -10.83
C ILE B 74 16.13 7.42 -9.87
N GLN B 75 15.25 8.29 -9.42
CA GLN B 75 15.66 9.42 -8.58
C GLN B 75 16.09 8.97 -7.22
N GLY B 76 15.39 7.94 -6.73
CA GLY B 76 15.59 7.40 -5.38
C GLY B 76 14.95 8.17 -4.22
N PRO B 77 14.79 7.48 -3.07
CA PRO B 77 14.25 8.23 -1.93
C PRO B 77 15.39 8.88 -1.15
N PHE B 78 16.23 9.64 -1.83
CA PHE B 78 17.41 10.19 -1.16
C PHE B 78 17.82 11.63 -1.51
N PHE B 79 17.32 12.18 -2.60
CA PHE B 79 17.64 13.58 -2.97
C PHE B 79 17.59 14.57 -1.80
N LYS B 80 18.26 15.71 -1.92
CA LYS B 80 18.11 16.80 -0.95
C LYS B 80 18.37 18.12 -1.64
N GLU B 81 17.35 18.98 -1.68
CA GLU B 81 17.53 20.30 -2.28
C GLU B 81 18.46 21.15 -1.45
N GLY B 82 18.86 22.29 -1.99
CA GLY B 82 19.70 23.27 -1.29
C GLY B 82 21.18 22.92 -1.17
N ALA B 83 21.66 22.05 -2.05
CA ALA B 83 23.06 21.64 -2.04
C ALA B 83 23.99 22.85 -2.25
N PRO B 84 25.22 22.75 -1.75
CA PRO B 84 26.07 23.89 -1.97
C PRO B 84 26.58 23.99 -3.42
N LEU B 85 26.73 25.22 -3.89
CA LEU B 85 27.53 25.49 -5.06
C LEU B 85 29.01 25.25 -4.69
N LEU B 86 29.73 24.50 -5.51
CA LEU B 86 31.12 24.19 -5.21
C LEU B 86 31.94 24.76 -6.32
N THR B 87 33.16 25.16 -5.98
CA THR B 87 33.99 25.95 -6.92
C THR B 87 35.49 25.88 -6.70
N GLY B 88 35.92 25.06 -5.73
CA GLY B 88 37.33 24.96 -5.34
C GLY B 88 38.42 24.54 -6.34
N LYS B 89 39.62 24.29 -5.79
CA LYS B 89 40.84 23.88 -6.54
C LYS B 89 40.55 22.80 -7.61
N PRO B 90 40.13 21.60 -7.16
CA PRO B 90 39.57 20.65 -8.10
C PRO B 90 38.06 20.40 -7.84
N ALA B 91 37.36 21.33 -7.18
CA ALA B 91 35.90 21.25 -6.91
C ALA B 91 35.42 19.96 -6.24
N THR B 92 35.55 19.89 -4.92
CA THR B 92 35.35 18.65 -4.16
C THR B 92 33.98 18.61 -3.47
N LEU B 93 33.45 17.40 -3.28
CA LEU B 93 32.25 17.27 -2.48
C LEU B 93 32.61 17.42 -1.01
N PRO B 94 31.71 18.05 -0.23
CA PRO B 94 31.95 18.25 1.19
C PRO B 94 31.90 16.91 1.93
N MET B 95 32.98 16.59 2.63
CA MET B 95 33.06 15.30 3.27
C MET B 95 33.88 15.41 4.54
N ARG B 96 33.72 14.44 5.43
CA ARG B 96 34.49 14.47 6.65
C ARG B 96 35.96 14.29 6.31
N ALA B 97 36.83 14.48 7.29
CA ALA B 97 38.23 14.18 7.11
C ALA B 97 38.30 12.67 7.11
N ASP B 98 39.20 12.16 6.29
CA ASP B 98 39.53 10.75 6.26
C ASP B 98 38.33 9.91 6.00
N GLU B 99 37.34 10.54 5.37
CA GLU B 99 36.23 9.82 4.81
C GLU B 99 36.87 8.59 4.23
N PRO B 100 36.24 7.41 4.36
CA PRO B 100 37.10 6.26 4.24
C PRO B 100 37.17 5.61 2.84
N GLY B 101 38.18 4.77 2.66
CA GLY B 101 38.36 3.98 1.43
C GLY B 101 38.58 4.84 0.20
N ASP B 102 38.43 4.20 -0.95
CA ASP B 102 39.04 4.65 -2.19
C ASP B 102 38.57 6.02 -2.68
N ARG B 103 39.53 6.76 -3.21
CA ARG B 103 39.32 8.11 -3.60
C ARG B 103 38.80 8.06 -5.03
N MET B 104 38.11 9.09 -5.49
CA MET B 104 37.48 8.98 -6.78
C MET B 104 37.54 10.24 -7.64
N ARG B 105 37.64 10.10 -8.96
CA ARG B 105 37.60 11.27 -9.84
C ARG B 105 36.64 11.16 -11.00
N PHE B 106 35.74 12.12 -11.09
CA PHE B 106 34.78 12.09 -12.14
C PHE B 106 34.98 13.23 -13.13
N THR B 107 34.86 12.88 -14.39
CA THR B 107 35.19 13.77 -15.48
C THR B 107 34.10 13.62 -16.53
N GLY B 108 33.70 14.73 -17.14
CA GLY B 108 32.72 14.64 -18.19
C GLY B 108 32.29 15.92 -18.86
N SER B 109 31.33 15.77 -19.78
CA SER B 109 30.82 16.89 -20.57
C SER B 109 29.35 17.11 -20.29
N VAL B 110 28.84 18.25 -20.75
CA VAL B 110 27.41 18.50 -20.85
C VAL B 110 27.11 19.35 -22.10
N ARG B 111 26.79 18.61 -23.16
CA ARG B 111 26.49 19.13 -24.49
C ARG B 111 25.06 18.70 -24.90
N ASP B 112 24.43 19.45 -25.82
CA ASP B 112 23.09 19.12 -26.35
C ASP B 112 23.17 18.20 -27.57
N THR B 113 22.01 17.91 -28.17
CA THR B 113 21.90 16.97 -29.31
C THR B 113 23.06 17.06 -30.31
N SER B 114 23.21 18.22 -30.93
CA SER B 114 24.34 18.44 -31.83
C SER B 114 25.67 18.04 -31.18
N GLY B 115 25.97 18.62 -30.02
CA GLY B 115 27.23 18.42 -29.31
C GLY B 115 27.77 19.74 -28.73
N THR B 116 26.96 20.79 -28.77
CA THR B 116 27.35 22.11 -28.30
C THR B 116 27.19 22.23 -26.78
N PRO B 117 28.31 22.39 -26.05
CA PRO B 117 28.32 22.61 -24.60
C PRO B 117 27.20 23.50 -24.02
N ILE B 118 26.52 23.00 -22.99
CA ILE B 118 25.40 23.74 -22.35
C ILE B 118 25.90 24.44 -21.09
N THR B 119 26.09 25.75 -21.22
CA THR B 119 26.94 26.43 -20.25
C THR B 119 26.15 26.59 -19.00
N GLY B 120 24.91 27.02 -19.15
CA GLY B 120 23.99 27.27 -18.04
C GLY B 120 23.48 26.06 -17.29
N ALA B 121 24.18 24.94 -17.37
CA ALA B 121 23.87 23.79 -16.54
C ALA B 121 24.30 24.02 -15.09
N VAL B 122 23.41 23.64 -14.16
CA VAL B 122 23.76 23.47 -12.73
C VAL B 122 23.68 21.97 -12.57
N ILE B 123 24.43 21.37 -11.67
CA ILE B 123 24.39 19.91 -11.63
C ILE B 123 24.67 19.29 -10.27
N ASP B 124 23.53 18.97 -9.62
CA ASP B 124 23.44 18.28 -8.34
C ASP B 124 23.93 16.85 -8.42
N VAL B 125 24.58 16.41 -7.36
CA VAL B 125 25.09 15.05 -7.23
C VAL B 125 25.14 14.71 -5.75
N TRP B 126 24.86 13.45 -5.42
CA TRP B 126 24.96 12.99 -4.04
C TRP B 126 25.15 11.50 -4.05
N HIS B 127 25.73 10.96 -2.99
CA HIS B 127 25.88 9.54 -2.91
C HIS B 127 26.33 9.03 -1.54
N SER B 128 26.08 7.74 -1.33
CA SER B 128 26.17 7.17 -0.02
C SER B 128 27.60 7.04 0.37
N THR B 129 27.88 7.30 1.64
CA THR B 129 29.18 7.01 2.21
C THR B 129 29.60 5.58 1.88
N ASN B 130 30.91 5.38 1.84
CA ASN B 130 31.50 4.06 1.67
C ASN B 130 30.79 3.10 2.55
N ASP B 131 30.06 3.66 3.52
CA ASP B 131 29.58 2.92 4.67
C ASP B 131 28.09 2.69 4.62
N GLY B 132 27.51 2.86 3.43
CA GLY B 132 26.12 2.60 3.19
C GLY B 132 25.13 3.64 3.70
N ASN B 133 25.64 4.79 4.12
CA ASN B 133 24.77 5.85 4.67
C ASN B 133 24.64 7.12 3.82
N TYR B 134 23.41 7.49 3.51
CA TYR B 134 23.12 8.72 2.78
C TYR B 134 22.76 9.87 3.74
N SER B 135 23.75 10.67 4.17
CA SER B 135 23.49 11.83 5.09
C SER B 135 22.10 12.44 4.91
N PHE B 136 21.45 12.81 6.03
CA PHE B 136 20.12 13.39 6.04
C PHE B 136 19.13 12.29 6.20
N PHE B 137 19.66 11.09 6.19
CA PHE B 137 18.85 9.90 6.26
C PHE B 137 19.67 8.87 7.01
N SER B 138 20.39 9.33 8.04
CA SER B 138 21.20 8.43 8.81
C SER B 138 21.62 8.97 10.16
N PRO B 139 21.20 8.28 11.24
CA PRO B 139 21.59 8.57 12.65
C PRO B 139 23.11 8.74 12.78
N ALA B 140 23.84 8.00 11.94
CA ALA B 140 25.29 7.98 11.99
C ALA B 140 25.87 9.28 11.46
N LEU B 141 25.08 9.99 10.69
CA LEU B 141 25.61 11.13 9.97
C LEU B 141 24.84 12.40 10.25
N PRO B 142 25.55 13.51 10.44
CA PRO B 142 24.97 14.82 10.55
C PRO B 142 23.74 14.97 9.67
N ASP B 143 22.94 15.99 9.93
CA ASP B 143 21.89 16.32 8.99
C ASP B 143 22.34 17.51 8.14
N GLN B 144 23.51 17.35 7.52
CA GLN B 144 24.18 18.40 6.75
C GLN B 144 24.51 17.91 5.35
N TYR B 145 25.05 18.82 4.52
CA TYR B 145 25.61 18.46 3.22
C TYR B 145 26.98 17.81 3.33
N LEU B 146 27.00 16.52 2.99
CA LEU B 146 28.18 15.68 3.00
C LEU B 146 27.95 14.66 1.92
N LEU B 147 28.89 14.61 0.97
CA LEU B 147 28.79 13.80 -0.26
C LEU B 147 27.56 14.18 -1.04
N ARG B 148 27.24 15.45 -0.96
CA ARG B 148 26.16 16.06 -1.70
C ARG B 148 26.77 17.37 -2.15
N GLY B 149 26.22 18.00 -3.19
CA GLY B 149 26.85 19.21 -3.75
C GLY B 149 26.54 19.46 -5.21
N ARG B 150 26.59 20.75 -5.59
CA ARG B 150 26.20 21.21 -6.93
C ARG B 150 27.44 21.69 -7.67
N VAL B 151 27.49 21.44 -8.97
CA VAL B 151 28.72 21.73 -9.72
C VAL B 151 28.39 22.30 -11.09
N VAL B 152 29.16 23.29 -11.52
CA VAL B 152 28.83 24.02 -12.72
C VAL B 152 29.80 23.60 -13.79
N PRO B 153 29.36 23.58 -15.05
CA PRO B 153 30.32 23.13 -16.08
C PRO B 153 31.17 24.29 -16.65
N ALA B 154 32.40 23.98 -17.02
CA ALA B 154 33.24 24.95 -17.73
C ALA B 154 32.52 25.42 -18.99
N GLU B 155 32.77 26.62 -19.46
CA GLU B 155 32.23 27.00 -20.75
C GLU B 155 32.77 26.13 -21.88
N ASP B 156 33.88 25.45 -21.67
CA ASP B 156 34.37 24.59 -22.74
C ASP B 156 33.42 23.41 -22.93
N GLY B 157 32.62 23.14 -21.90
CA GLY B 157 31.81 21.91 -21.83
C GLY B 157 32.05 21.18 -20.53
N SER B 158 33.30 20.76 -20.31
CA SER B 158 33.72 19.80 -19.24
C SER B 158 33.23 20.05 -17.79
N ILE B 159 33.33 18.99 -16.99
CA ILE B 159 33.09 19.03 -15.57
C ILE B 159 33.96 18.04 -14.83
N GLU B 160 34.14 18.31 -13.55
CA GLU B 160 34.98 17.52 -12.70
C GLU B 160 34.51 17.69 -11.27
N PHE B 161 34.62 16.62 -10.50
CA PHE B 161 34.59 16.69 -9.05
C PHE B 161 35.25 15.45 -8.50
N HIS B 162 35.79 15.55 -7.30
CA HIS B 162 36.26 14.36 -6.61
C HIS B 162 35.31 14.14 -5.45
N SER B 163 35.32 12.90 -4.96
CA SER B 163 34.46 12.52 -3.86
C SER B 163 35.16 11.30 -3.40
N ILE B 164 34.49 10.43 -2.66
CA ILE B 164 35.04 9.10 -2.39
C ILE B 164 34.33 8.10 -3.29
N ARG B 165 34.80 6.85 -3.30
CA ARG B 165 34.18 5.84 -4.15
C ARG B 165 33.01 5.23 -3.42
N PRO B 166 31.80 5.41 -3.96
CA PRO B 166 30.64 4.84 -3.36
C PRO B 166 30.69 3.32 -3.57
N VAL B 167 30.02 2.59 -2.69
CA VAL B 167 29.98 1.13 -2.80
C VAL B 167 28.58 0.58 -2.55
N PRO B 168 28.33 -0.67 -2.99
CA PRO B 168 27.12 -1.45 -2.71
C PRO B 168 26.43 -1.14 -1.40
N TYR B 169 25.12 -0.88 -1.48
CA TYR B 169 24.32 -0.52 -0.28
C TYR B 169 23.26 -1.57 -0.02
N GLU B 170 23.28 -2.14 1.18
CA GLU B 170 22.22 -3.05 1.63
C GLU B 170 21.12 -2.19 2.27
N ILE B 171 19.95 -2.14 1.61
CA ILE B 171 18.72 -1.58 2.18
C ILE B 171 18.40 -2.31 3.51
N PRO B 172 18.04 -1.55 4.55
CA PRO B 172 17.84 -2.14 5.88
C PRO B 172 17.35 -3.61 5.90
N LYS B 173 18.27 -4.56 6.04
CA LYS B 173 17.90 -5.96 6.26
C LYS B 173 16.61 -6.03 7.08
N ALA B 174 16.53 -5.21 8.14
CA ALA B 174 15.48 -5.31 9.17
C ALA B 174 14.13 -4.65 8.83
N GLY B 175 14.04 -3.98 7.69
CA GLY B 175 12.78 -3.36 7.28
C GLY B 175 11.81 -4.30 6.56
N PRO B 176 10.49 -4.12 6.77
CA PRO B 176 9.53 -4.76 5.89
C PRO B 176 10.05 -5.05 4.46
N THR B 177 10.61 -4.04 3.81
CA THR B 177 11.23 -4.25 2.51
C THR B 177 12.43 -5.24 2.59
N GLY B 178 13.19 -5.13 3.66
CA GLY B 178 14.31 -6.00 3.84
C GLY B 178 13.77 -7.41 3.95
N GLN B 179 12.86 -7.62 4.89
CA GLN B 179 12.32 -8.95 5.08
C GLN B 179 11.76 -9.52 3.73
N LEU B 180 11.00 -8.70 3.02
CA LEU B 180 10.46 -9.13 1.75
C LEU B 180 11.57 -9.58 0.83
N MET B 181 12.57 -8.72 0.65
CA MET B 181 13.71 -8.99 -0.25
C MET B 181 14.59 -10.13 0.27
N ASN B 182 14.86 -10.07 1.58
CA ASN B 182 15.78 -10.97 2.23
C ASN B 182 15.19 -12.31 2.57
N SER B 183 14.07 -12.32 3.25
CA SER B 183 13.50 -13.57 3.78
C SER B 183 12.39 -14.22 2.92
N TYR B 184 11.30 -13.49 2.66
CA TYR B 184 10.10 -14.10 2.05
C TYR B 184 10.39 -14.38 0.62
N LEU B 185 11.00 -13.43 -0.06
CA LEU B 185 11.47 -13.70 -1.40
C LEU B 185 12.84 -14.38 -1.37
N GLY B 186 13.48 -14.40 -0.18
CA GLY B 186 14.78 -15.09 0.01
C GLY B 186 15.89 -14.74 -0.99
N ARG B 187 15.95 -13.47 -1.36
CA ARG B 187 16.97 -12.91 -2.23
C ARG B 187 17.74 -11.97 -1.31
N HIS B 188 18.21 -10.83 -1.83
CA HIS B 188 19.03 -9.95 -1.01
C HIS B 188 18.61 -8.48 -1.11
N SER B 189 19.12 -7.68 -0.18
CA SER B 189 18.74 -6.28 -0.10
C SER B 189 19.79 -5.27 -0.62
N TRP B 190 20.66 -5.70 -1.54
CA TRP B 190 21.78 -4.87 -2.01
C TRP B 190 21.49 -4.17 -3.32
N ARG B 191 21.91 -2.92 -3.39
CA ARG B 191 22.13 -2.24 -4.67
C ARG B 191 23.62 -2.14 -5.07
N PRO B 192 23.89 -2.02 -6.38
CA PRO B 192 25.28 -1.83 -6.76
C PRO B 192 25.73 -0.45 -6.36
N ALA B 193 27.03 -0.33 -6.09
CA ALA B 193 27.73 0.95 -5.98
C ALA B 193 27.12 1.93 -6.96
N HIS B 194 26.82 3.14 -6.54
CA HIS B 194 26.26 4.09 -7.51
C HIS B 194 26.43 5.54 -7.09
N ILE B 195 26.18 6.45 -8.03
CA ILE B 195 26.21 7.83 -7.69
C ILE B 195 25.03 8.46 -8.41
N HIS B 196 24.25 9.23 -7.66
CA HIS B 196 22.98 9.77 -8.13
C HIS B 196 23.35 11.12 -8.71
N ILE B 197 22.58 11.64 -9.65
CA ILE B 197 22.96 12.81 -10.39
C ILE B 197 21.73 13.46 -10.94
N ARG B 198 21.65 14.78 -10.78
CA ARG B 198 20.56 15.57 -11.37
C ARG B 198 21.16 16.78 -12.04
N ILE B 199 20.50 17.25 -13.11
CA ILE B 199 21.06 18.27 -13.95
C ILE B 199 19.96 19.21 -14.37
N THR B 200 19.98 20.42 -13.83
CA THR B 200 19.07 21.48 -14.31
C THR B 200 19.69 22.12 -15.57
N ALA B 201 18.88 22.98 -16.20
CA ALA B 201 19.31 24.03 -17.14
C ALA B 201 18.07 24.81 -17.64
N ASP B 202 18.02 26.12 -17.43
CA ASP B 202 17.01 26.93 -18.13
C ASP B 202 16.99 26.49 -19.61
N GLY B 203 15.80 26.37 -20.19
CA GLY B 203 15.68 26.05 -21.62
C GLY B 203 16.01 24.61 -22.05
N TYR B 204 16.27 23.71 -21.11
CA TYR B 204 16.37 22.28 -21.43
C TYR B 204 15.44 21.51 -20.49
N ARG B 205 15.52 20.18 -20.48
CA ARG B 205 14.61 19.39 -19.63
C ARG B 205 15.42 18.73 -18.53
N PRO B 206 14.96 18.81 -17.27
CA PRO B 206 15.71 18.20 -16.18
C PRO B 206 16.13 16.79 -16.55
N LEU B 207 17.20 16.32 -15.94
CA LEU B 207 17.55 14.93 -16.07
C LEU B 207 18.00 14.49 -14.71
N ILE B 208 17.80 13.19 -14.45
CA ILE B 208 18.07 12.55 -13.16
C ILE B 208 18.52 11.12 -13.43
N THR B 209 19.72 10.77 -12.99
CA THR B 209 20.21 9.44 -13.25
C THR B 209 21.21 9.01 -12.20
N GLN B 210 21.83 7.85 -12.37
CA GLN B 210 22.82 7.34 -11.44
C GLN B 210 23.86 6.62 -12.27
N LEU B 211 25.03 6.34 -11.70
CA LEU B 211 26.06 5.63 -12.47
C LEU B 211 26.63 4.54 -11.65
N TYR B 212 27.03 3.46 -12.29
CA TYR B 212 27.57 2.35 -11.49
C TYR B 212 28.91 1.90 -12.05
N PHE B 213 29.47 0.88 -11.44
CA PHE B 213 30.86 0.50 -11.73
C PHE B 213 31.05 -0.92 -12.29
N GLU B 214 31.75 -0.99 -13.43
CA GLU B 214 32.13 -2.29 -13.98
C GLU B 214 32.71 -3.22 -12.90
N GLY B 215 32.57 -4.52 -13.10
CA GLY B 215 32.90 -5.49 -12.07
C GLY B 215 32.09 -5.37 -10.77
N ASP B 216 31.04 -4.54 -10.79
CA ASP B 216 30.14 -4.41 -9.64
C ASP B 216 29.32 -5.70 -9.45
N PRO B 217 29.63 -6.47 -8.38
CA PRO B 217 29.00 -7.77 -8.17
C PRO B 217 27.45 -7.77 -8.29
N TYR B 218 26.78 -6.72 -7.80
CA TYR B 218 25.33 -6.66 -7.86
C TYR B 218 24.84 -5.84 -9.03
N LEU B 219 25.53 -5.90 -10.16
CA LEU B 219 25.02 -5.23 -11.36
C LEU B 219 23.76 -5.96 -11.85
N ASP B 220 23.99 -7.16 -12.40
CA ASP B 220 22.96 -8.17 -12.70
C ASP B 220 22.39 -8.77 -11.39
N SER B 221 21.37 -8.12 -10.82
CA SER B 221 20.72 -8.53 -9.55
C SER B 221 20.32 -7.35 -8.61
N ASP B 222 20.44 -6.11 -9.10
CA ASP B 222 20.01 -4.92 -8.37
C ASP B 222 18.64 -5.23 -7.74
N SER B 223 18.52 -4.97 -6.44
CA SER B 223 17.24 -5.05 -5.74
C SER B 223 16.16 -4.16 -6.39
N CYS B 224 16.61 -3.03 -6.92
CA CYS B 224 15.72 -2.02 -7.42
C CYS B 224 15.58 -2.03 -8.94
N SER B 225 16.14 -3.08 -9.53
CA SER B 225 16.06 -3.28 -10.97
C SER B 225 16.16 -1.94 -11.74
N ALA B 226 17.23 -1.20 -11.43
CA ALA B 226 17.46 0.15 -11.95
C ALA B 226 18.60 0.22 -12.99
N VAL B 227 19.61 -0.63 -12.83
CA VAL B 227 20.75 -0.65 -13.73
C VAL B 227 20.38 -0.78 -15.21
N LYS B 228 20.60 0.29 -15.97
CA LYS B 228 20.75 0.17 -17.39
C LYS B 228 22.26 0.03 -17.65
N SER B 229 22.64 -0.51 -18.81
CA SER B 229 24.05 -0.86 -19.11
C SER B 229 24.78 0.37 -19.64
N GLU B 230 24.10 1.05 -20.56
CA GLU B 230 24.47 2.39 -21.03
C GLU B 230 25.03 3.27 -19.89
N LEU B 231 24.77 2.89 -18.64
CA LEU B 231 25.13 3.70 -17.47
C LEU B 231 26.10 3.03 -16.50
N VAL B 232 26.67 1.89 -16.90
CA VAL B 232 27.80 1.33 -16.14
C VAL B 232 29.10 2.06 -16.54
N LEU B 233 29.94 2.35 -15.55
CA LEU B 233 31.13 3.16 -15.73
C LEU B 233 32.38 2.29 -15.86
N PRO B 234 33.15 2.54 -16.94
CA PRO B 234 34.46 1.89 -17.10
C PRO B 234 35.34 2.49 -16.04
N VAL B 235 36.03 1.63 -15.29
CA VAL B 235 36.73 2.11 -14.12
C VAL B 235 38.24 1.86 -14.12
N ASN B 236 38.98 2.98 -14.05
CA ASN B 236 40.42 2.98 -13.97
C ASN B 236 40.96 3.03 -12.55
N LYS B 237 41.41 1.88 -12.07
CA LYS B 237 42.04 1.76 -10.76
C LYS B 237 43.49 2.30 -10.81
N ILE B 238 43.69 3.49 -10.23
CA ILE B 238 45.00 4.20 -10.18
C ILE B 238 45.60 4.31 -8.77
N ASP B 239 46.85 3.90 -8.62
CA ASP B 239 47.34 3.65 -7.27
C ASP B 239 48.18 4.75 -6.58
N ILE B 240 47.87 6.03 -6.83
CA ILE B 240 48.56 7.21 -6.22
C ILE B 240 48.93 7.04 -4.74
N ASP B 241 49.60 5.90 -4.50
CA ASP B 241 50.42 5.60 -3.31
C ASP B 241 49.73 5.86 -1.96
N GLY B 242 49.65 4.79 -1.18
CA GLY B 242 48.68 4.70 -0.10
C GLY B 242 47.29 4.79 -0.73
N GLU B 243 46.77 6.01 -0.80
CA GLU B 243 45.48 6.30 -1.42
C GLU B 243 45.32 5.81 -2.87
N THR B 244 44.70 4.63 -3.02
CA THR B 244 44.26 4.08 -4.33
C THR B 244 43.08 4.86 -4.87
N TRP B 245 43.21 5.38 -6.08
CA TRP B 245 42.19 6.24 -6.66
C TRP B 245 41.36 5.48 -7.66
N GLN B 246 40.08 5.85 -7.83
CA GLN B 246 39.30 5.37 -8.96
C GLN B 246 38.78 6.52 -9.79
N LEU B 247 39.14 6.53 -11.07
CA LEU B 247 38.70 7.60 -11.96
C LEU B 247 37.70 7.09 -12.97
N VAL B 248 36.82 7.99 -13.37
CA VAL B 248 35.64 7.65 -14.11
C VAL B 248 35.27 8.87 -14.93
N ASP B 249 34.77 8.59 -16.13
CA ASP B 249 34.48 9.62 -17.09
C ASP B 249 33.04 9.37 -17.55
N PHE B 250 32.31 10.45 -17.85
CA PHE B 250 31.00 10.35 -18.48
C PHE B 250 30.61 11.58 -19.27
N ASN B 251 29.99 11.37 -20.44
CA ASN B 251 29.46 12.47 -21.24
C ASN B 251 27.94 12.60 -21.32
N PHE B 252 27.41 13.58 -20.62
CA PHE B 252 26.00 13.85 -20.64
C PHE B 252 25.60 14.65 -21.89
N ILE B 253 24.48 14.20 -22.47
CA ILE B 253 23.76 14.87 -23.56
C ILE B 253 22.38 15.10 -23.00
N LEU B 254 21.66 16.06 -23.54
CA LEU B 254 20.46 16.51 -22.85
C LEU B 254 19.19 16.57 -23.69
N GLN B 255 18.05 16.69 -23.02
CA GLN B 255 16.75 16.61 -23.68
C GLN B 255 16.63 17.73 -24.68
N HIS B 256 16.52 18.95 -24.16
CA HIS B 256 16.55 20.12 -25.01
C HIS B 256 15.15 20.48 -25.39
N ASN B 257 14.31 20.61 -24.37
CA ASN B 257 12.90 21.01 -24.53
C ASN B 257 12.13 20.57 -25.76
#